data_2P4O
#
_entry.id   2P4O
#
_cell.length_a   91.442
_cell.length_b   91.442
_cell.length_c   75.188
_cell.angle_alpha   90.000
_cell.angle_beta   90.000
_cell.angle_gamma   90.000
#
_symmetry.space_group_name_H-M   'P 42 21 2'
#
loop_
_entity.id
_entity.type
_entity.pdbx_description
1 polymer 'hypothetical protein'
2 non-polymer 'ACETATE ION'
3 non-polymer GLYCEROL
4 water water
#
_entity_poly.entity_id   1
_entity_poly.type   'polypeptide(L)'
_entity_poly.pdbx_seq_one_letter_code
;G(MSE)GDSAGLPPIYADKPIELAPAKIITSFPVNTFLENLASAPDGTIFVTNHEVGEIVSITPDGNQQIHATVEGKVSG
LAFTSNGDLVATGWNADSIPVVSLVKSDGTVETLLTLPDAIFLNGITPLSDTQYLTADSYRGAIWLIDVVQPSGSIWLEH
P(MSE)LARSNSESVFPAANGLKRFGNFLYVSNTEK(MSE)LLLRIPVDSTDKPGEPEIFVEQTNIDDFAFDVEGNLYGA
THIYNSVVRIAPDRSTTIIAQAEQGVIGSTAVAFGQTEGDCTAIYVVTNGG(MSE)FLPPPTGVVPANVVRLEVGKPGYP
LG
;
_entity_poly.pdbx_strand_id   A
#
# COMPACT_ATOMS: atom_id res chain seq x y z
N SER A 5 18.14 -11.54 -7.58
CA SER A 5 19.23 -10.69 -8.13
C SER A 5 20.32 -10.46 -7.05
N ALA A 6 21.57 -10.32 -7.47
CA ALA A 6 22.72 -10.59 -6.60
C ALA A 6 23.05 -9.49 -5.59
N GLY A 7 22.56 -8.28 -5.83
CA GLY A 7 22.74 -7.20 -4.84
C GLY A 7 22.08 -7.47 -3.48
N LEU A 8 20.97 -8.21 -3.49
CA LEU A 8 20.01 -8.22 -2.38
C LEU A 8 20.46 -8.98 -1.13
N PRO A 9 20.45 -8.31 0.04
CA PRO A 9 20.63 -9.04 1.30
C PRO A 9 19.64 -10.19 1.42
N PRO A 10 20.12 -11.38 1.78
CA PRO A 10 19.28 -12.59 1.84
C PRO A 10 18.38 -12.66 3.06
N ILE A 11 17.58 -11.62 3.27
CA ILE A 11 16.75 -11.50 4.47
C ILE A 11 15.69 -12.60 4.68
N TYR A 12 15.23 -13.23 3.59
CA TYR A 12 14.17 -14.25 3.67
C TYR A 12 14.67 -15.65 3.37
N ALA A 13 15.99 -15.81 3.31
CA ALA A 13 16.61 -17.07 2.92
C ALA A 13 16.20 -18.26 3.75
N ASP A 14 15.98 -18.07 5.05
CA ASP A 14 15.63 -19.16 5.92
C ASP A 14 14.17 -19.20 6.35
N LYS A 15 13.32 -18.36 5.75
CA LYS A 15 11.89 -18.36 6.09
C LYS A 15 11.17 -19.54 5.38
N PRO A 16 10.22 -20.20 6.06
CA PRO A 16 9.46 -21.26 5.41
C PRO A 16 8.58 -20.70 4.29
N ILE A 17 8.35 -21.52 3.27
CA ILE A 17 7.49 -21.15 2.14
C ILE A 17 6.23 -21.99 2.22
N GLU A 18 5.09 -21.33 2.29
CA GLU A 18 3.80 -22.01 2.35
C GLU A 18 2.91 -21.34 1.31
N LEU A 19 2.90 -21.93 0.13
CA LEU A 19 2.37 -21.18 -1.00
C LEU A 19 0.86 -21.17 -0.98
N ALA A 20 0.31 -19.97 -0.97
CA ALA A 20 -1.13 -19.77 -1.03
C ALA A 20 -1.67 -20.11 -2.43
N PRO A 21 -2.90 -20.64 -2.48
CA PRO A 21 -3.60 -20.70 -3.76
C PRO A 21 -3.57 -19.33 -4.43
N ALA A 22 -3.11 -19.27 -5.68
CA ALA A 22 -2.93 -17.97 -6.36
C ALA A 22 -3.61 -17.96 -7.71
N LYS A 23 -4.12 -16.81 -8.11
CA LYS A 23 -4.72 -16.65 -9.44
C LYS A 23 -4.49 -15.22 -9.88
N ILE A 24 -4.05 -15.04 -11.12
CA ILE A 24 -3.90 -13.71 -11.69
C ILE A 24 -5.28 -13.27 -12.20
N ILE A 25 -5.76 -12.13 -11.70
CA ILE A 25 -7.09 -11.59 -12.01
C ILE A 25 -7.05 -10.76 -13.28
N THR A 26 -6.04 -9.89 -13.40
CA THR A 26 -5.83 -9.10 -14.61
C THR A 26 -4.34 -8.70 -14.75
N SER A 27 -3.94 -8.29 -15.94
CA SER A 27 -2.58 -7.84 -16.21
C SER A 27 -2.53 -6.57 -17.04
N PHE A 28 -1.51 -5.76 -16.81
CA PHE A 28 -1.32 -4.49 -17.53
C PHE A 28 -0.04 -4.64 -18.34
N PRO A 29 0.21 -3.73 -19.30
CA PRO A 29 1.44 -3.88 -20.05
C PRO A 29 2.68 -3.78 -19.17
N VAL A 30 3.75 -4.40 -19.62
CA VAL A 30 5.06 -4.22 -19.01
C VAL A 30 5.32 -2.74 -18.87
N ASN A 31 5.91 -2.36 -17.74
CA ASN A 31 6.16 -0.95 -17.37
C ASN A 31 5.02 -0.18 -16.75
N THR A 32 4.02 -0.92 -16.27
CA THR A 32 2.94 -0.36 -15.56
C THR A 32 3.34 -0.41 -14.09
N PHE A 33 3.33 0.77 -13.46
CA PHE A 33 3.63 0.83 -12.06
C PHE A 33 2.34 0.89 -11.28
N LEU A 34 1.80 -0.26 -10.91
CA LEU A 34 0.66 -0.27 -9.99
C LEU A 34 1.21 -0.01 -8.58
N GLU A 35 0.72 1.04 -7.92
CA GLU A 35 1.32 1.42 -6.66
C GLU A 35 0.49 0.99 -5.47
N ASN A 36 -0.83 0.96 -5.64
CA ASN A 36 -1.70 0.61 -4.56
C ASN A 36 -3.07 0.23 -5.08
N LEU A 37 -3.95 -0.13 -4.16
CA LEU A 37 -5.28 -0.66 -4.50
C LEU A 37 -6.16 -0.54 -3.30
N ALA A 38 -7.46 -0.46 -3.60
CA ALA A 38 -8.48 -0.48 -2.58
C ALA A 38 -9.67 -1.25 -3.15
N SER A 39 -10.27 -2.09 -2.32
CA SER A 39 -11.44 -2.90 -2.70
C SER A 39 -12.76 -2.22 -2.32
N ALA A 40 -13.77 -2.37 -3.19
CA ALA A 40 -15.11 -1.81 -2.93
C ALA A 40 -16.05 -2.91 -2.39
N PRO A 41 -16.99 -2.53 -1.49
CA PRO A 41 -17.89 -3.53 -0.92
C PRO A 41 -18.68 -4.34 -1.95
N ASP A 42 -18.82 -3.85 -3.19
CA ASP A 42 -19.46 -4.65 -4.26
C ASP A 42 -18.55 -5.66 -4.93
N GLY A 43 -17.25 -5.58 -4.66
CA GLY A 43 -16.29 -6.50 -5.26
C GLY A 43 -15.32 -5.82 -6.20
N THR A 44 -15.56 -4.55 -6.55
CA THR A 44 -14.70 -3.87 -7.51
C THR A 44 -13.41 -3.45 -6.83
N ILE A 45 -12.30 -3.66 -7.54
CA ILE A 45 -10.95 -3.31 -7.06
C ILE A 45 -10.53 -2.11 -7.85
N PHE A 46 -10.14 -1.04 -7.16
CA PHE A 46 -9.49 0.09 -7.81
C PHE A 46 -7.97 0.08 -7.57
N VAL A 47 -7.23 0.34 -8.63
CA VAL A 47 -5.78 0.39 -8.54
C VAL A 47 -5.28 1.71 -9.09
N THR A 48 -4.09 2.07 -8.62
CA THR A 48 -3.40 3.26 -9.09
C THR A 48 -2.31 2.85 -10.08
N ASN A 49 -2.48 3.34 -11.30
CA ASN A 49 -1.51 3.25 -12.34
C ASN A 49 -0.73 4.56 -12.29
N HIS A 50 0.41 4.50 -11.60
CA HIS A 50 1.14 5.66 -11.08
C HIS A 50 1.56 6.68 -12.12
N GLU A 51 2.28 6.21 -13.14
CA GLU A 51 2.95 7.11 -14.08
C GLU A 51 1.98 7.92 -14.92
N VAL A 52 0.82 7.34 -15.22
CA VAL A 52 -0.21 7.99 -16.05
C VAL A 52 -1.36 8.62 -15.26
N GLY A 53 -1.26 8.58 -13.94
CA GLY A 53 -2.22 9.20 -13.04
C GLY A 53 -3.63 8.65 -13.10
N GLU A 54 -3.75 7.39 -13.47
CA GLU A 54 -5.03 6.77 -13.67
C GLU A 54 -5.42 5.93 -12.46
N ILE A 55 -6.67 6.06 -12.07
CA ILE A 55 -7.28 5.14 -11.13
C ILE A 55 -8.17 4.21 -11.97
N VAL A 56 -7.78 2.94 -11.99
CA VAL A 56 -8.42 1.92 -12.84
C VAL A 56 -9.29 0.98 -11.98
N SER A 57 -10.54 0.76 -12.41
CA SER A 57 -11.40 -0.25 -11.79
C SER A 57 -11.27 -1.58 -12.50
N ILE A 58 -11.33 -2.65 -11.69
CA ILE A 58 -11.17 -4.01 -12.16
C ILE A 58 -12.36 -4.81 -11.68
N THR A 59 -13.12 -5.34 -12.63
CA THR A 59 -14.27 -6.20 -12.34
C THR A 59 -13.75 -7.60 -11.95
N PRO A 60 -14.60 -8.45 -11.35
CA PRO A 60 -14.17 -9.81 -10.98
C PRO A 60 -13.61 -10.64 -12.15
N ASP A 61 -14.22 -10.48 -13.33
CA ASP A 61 -13.77 -11.16 -14.55
C ASP A 61 -12.41 -10.64 -15.08
N GLY A 62 -11.92 -9.51 -14.55
CA GLY A 62 -10.62 -8.96 -14.90
C GLY A 62 -10.66 -7.81 -15.91
N ASN A 63 -11.86 -7.32 -16.23
CA ASN A 63 -12.01 -6.21 -17.16
C ASN A 63 -11.63 -4.92 -16.47
N GLN A 64 -10.97 -4.03 -17.20
CA GLN A 64 -10.44 -2.78 -16.66
C GLN A 64 -11.14 -1.60 -17.30
N GLN A 65 -11.50 -0.61 -16.49
CA GLN A 65 -11.88 0.67 -17.05
C GLN A 65 -11.26 1.80 -16.25
N ILE A 66 -10.86 2.85 -16.96
CA ILE A 66 -10.24 3.98 -16.35
C ILE A 66 -11.35 4.71 -15.61
N HIS A 67 -11.33 4.60 -14.28
CA HIS A 67 -12.29 5.29 -13.42
C HIS A 67 -12.07 6.83 -13.36
N ALA A 68 -10.81 7.23 -13.22
CA ALA A 68 -10.49 8.64 -13.11
C ALA A 68 -9.06 8.90 -13.51
N THR A 69 -8.76 10.17 -13.75
CA THR A 69 -7.41 10.56 -14.16
C THR A 69 -7.03 11.85 -13.49
N VAL A 70 -5.92 11.81 -12.75
CA VAL A 70 -5.40 12.99 -12.07
C VAL A 70 -4.31 13.62 -12.88
N GLU A 71 -4.13 14.91 -12.64
CA GLU A 71 -2.95 15.60 -13.13
C GLU A 71 -1.75 15.07 -12.35
N GLY A 72 -0.78 14.58 -13.09
CA GLY A 72 0.45 14.11 -12.51
C GLY A 72 0.38 12.63 -12.23
N LYS A 73 0.87 12.23 -11.05
CA LYS A 73 1.01 10.82 -10.70
C LYS A 73 0.18 10.50 -9.45
N VAL A 74 -0.19 9.24 -9.31
CA VAL A 74 -1.14 8.81 -8.28
C VAL A 74 -0.62 7.53 -7.62
N SER A 75 -0.74 7.46 -6.29
CA SER A 75 -0.09 6.43 -5.50
CA SER A 75 -0.10 6.38 -5.52
C SER A 75 -1.05 5.71 -4.55
N GLY A 76 -1.33 6.34 -3.42
CA GLY A 76 -2.14 5.75 -2.35
C GLY A 76 -3.59 5.99 -2.61
N LEU A 77 -4.42 5.10 -2.06
CA LEU A 77 -5.86 5.14 -2.21
C LEU A 77 -6.51 4.65 -0.93
N ALA A 78 -7.56 5.35 -0.53
CA ALA A 78 -8.46 4.89 0.54
C ALA A 78 -9.90 5.34 0.28
N PHE A 79 -10.86 4.47 0.59
CA PHE A 79 -12.26 4.87 0.47
C PHE A 79 -12.67 5.80 1.58
N THR A 80 -13.55 6.71 1.24
CA THR A 80 -14.19 7.61 2.23
C THR A 80 -15.55 7.01 2.54
N SER A 81 -16.14 7.46 3.65
CA SER A 81 -17.47 6.99 4.10
C SER A 81 -18.58 7.10 3.04
N ASN A 82 -18.49 8.10 2.17
CA ASN A 82 -19.49 8.29 1.09
C ASN A 82 -19.25 7.41 -0.15
N GLY A 83 -18.18 6.62 -0.14
CA GLY A 83 -17.82 5.75 -1.27
C GLY A 83 -16.98 6.45 -2.33
N ASP A 84 -16.48 7.64 -2.02
CA ASP A 84 -15.50 8.29 -2.87
C ASP A 84 -14.09 7.78 -2.48
N LEU A 85 -13.06 8.19 -3.20
CA LEU A 85 -11.67 7.78 -2.91
C LEU A 85 -10.84 9.00 -2.55
N VAL A 86 -10.02 8.90 -1.51
CA VAL A 86 -8.95 9.85 -1.27
CA VAL A 86 -8.92 9.83 -1.23
C VAL A 86 -7.66 9.26 -1.85
N ALA A 87 -6.90 10.08 -2.57
CA ALA A 87 -5.69 9.62 -3.26
C ALA A 87 -4.53 10.52 -2.96
N THR A 88 -3.35 9.92 -2.78
CA THR A 88 -2.11 10.66 -2.74
C THR A 88 -1.44 10.58 -4.10
N GLY A 89 -0.65 11.60 -4.39
CA GLY A 89 0.17 11.64 -5.60
C GLY A 89 1.01 12.91 -5.69
N TRP A 90 1.40 13.22 -6.93
CA TRP A 90 2.23 14.38 -7.25
C TRP A 90 1.48 15.12 -8.35
N ASN A 91 1.50 16.45 -8.31
CA ASN A 91 1.01 17.27 -9.42
C ASN A 91 2.04 17.29 -10.55
N ALA A 92 1.73 18.07 -11.61
CA ALA A 92 2.63 18.19 -12.78
C ALA A 92 4.01 18.74 -12.41
N ASP A 93 4.10 19.48 -11.30
CA ASP A 93 5.34 20.03 -10.81
C ASP A 93 6.02 19.18 -9.74
N SER A 94 5.56 17.94 -9.54
CA SER A 94 6.23 17.01 -8.62
C SER A 94 6.08 17.42 -7.17
N ILE A 95 4.99 18.14 -6.90
CA ILE A 95 4.61 18.51 -5.53
C ILE A 95 3.49 17.57 -5.01
N PRO A 96 3.63 17.06 -3.77
CA PRO A 96 2.57 16.21 -3.28
C PRO A 96 1.21 16.86 -3.26
N VAL A 97 0.24 16.04 -3.62
CA VAL A 97 -1.17 16.45 -3.65
C VAL A 97 -2.01 15.34 -3.02
N VAL A 98 -3.02 15.75 -2.26
CA VAL A 98 -4.11 14.86 -1.83
C VAL A 98 -5.36 15.20 -2.64
N SER A 99 -5.91 14.21 -3.34
CA SER A 99 -7.08 14.41 -4.20
C SER A 99 -8.30 13.65 -3.72
N LEU A 100 -9.49 14.16 -4.03
CA LEU A 100 -10.74 13.41 -3.83
C LEU A 100 -11.31 13.00 -5.17
N VAL A 101 -11.48 11.69 -5.35
CA VAL A 101 -12.01 11.14 -6.57
C VAL A 101 -13.45 10.70 -6.30
N LYS A 102 -14.40 11.38 -6.92
CA LYS A 102 -15.81 11.09 -6.69
C LYS A 102 -16.20 9.84 -7.47
N SER A 103 -17.33 9.23 -7.10
CA SER A 103 -17.75 7.96 -7.73
C SER A 103 -18.13 8.12 -9.20
N ASP A 104 -18.41 9.36 -9.61
CA ASP A 104 -18.70 9.67 -11.02
C ASP A 104 -17.44 9.87 -11.85
N GLY A 105 -16.27 9.67 -11.26
CA GLY A 105 -15.01 9.85 -11.97
C GLY A 105 -14.37 11.23 -11.90
N THR A 106 -15.03 12.19 -11.24
CA THR A 106 -14.51 13.56 -11.17
C THR A 106 -13.47 13.76 -10.04
N VAL A 107 -12.45 14.54 -10.34
CA VAL A 107 -11.34 14.74 -9.43
C VAL A 107 -11.36 16.17 -8.89
N GLU A 108 -11.18 16.31 -7.57
CA GLU A 108 -10.91 17.59 -6.97
C GLU A 108 -9.62 17.49 -6.15
N THR A 109 -8.80 18.51 -6.28
CA THR A 109 -7.59 18.62 -5.49
C THR A 109 -8.00 19.16 -4.14
N LEU A 110 -7.75 18.40 -3.10
CA LEU A 110 -8.04 18.90 -1.76
C LEU A 110 -6.93 19.82 -1.24
N LEU A 111 -5.70 19.32 -1.33
CA LEU A 111 -4.51 19.94 -0.78
C LEU A 111 -3.34 19.77 -1.70
N THR A 112 -2.57 20.84 -1.84
CA THR A 112 -1.20 20.73 -2.35
C THR A 112 -0.25 21.03 -1.18
N LEU A 113 0.74 20.18 -1.01
CA LEU A 113 1.56 20.15 0.20
C LEU A 113 3.06 20.20 -0.12
N PRO A 114 3.55 21.41 -0.37
CA PRO A 114 4.99 21.60 -0.64
C PRO A 114 5.94 21.31 0.52
N ASP A 115 5.44 21.19 1.76
CA ASP A 115 6.30 20.81 2.89
C ASP A 115 6.39 19.29 2.96
N ALA A 116 5.68 18.60 2.08
CA ALA A 116 5.81 17.14 1.95
C ALA A 116 6.71 16.85 0.74
N ILE A 117 7.24 15.64 0.63
CA ILE A 117 8.08 15.28 -0.52
C ILE A 117 7.51 14.16 -1.33
N PHE A 118 7.14 13.09 -0.65
CA PHE A 118 6.45 12.02 -1.33
C PHE A 118 5.47 11.27 -0.46
N LEU A 119 4.19 11.64 -0.63
CA LEU A 119 3.08 10.98 0.07
C LEU A 119 2.79 9.65 -0.55
N ASN A 120 2.88 8.60 0.25
CA ASN A 120 2.80 7.26 -0.29
C ASN A 120 1.50 6.59 0.15
N GLY A 121 1.57 5.66 1.11
CA GLY A 121 0.37 4.97 1.61
C GLY A 121 -0.54 5.96 2.31
N ILE A 122 -1.85 5.69 2.27
CA ILE A 122 -2.86 6.49 2.97
C ILE A 122 -3.90 5.51 3.54
N THR A 123 -4.31 5.74 4.78
CA THR A 123 -5.26 4.85 5.46
C THR A 123 -6.15 5.68 6.38
N PRO A 124 -7.43 5.26 6.57
CA PRO A 124 -8.37 5.97 7.45
C PRO A 124 -7.93 5.96 8.90
N LEU A 125 -8.14 7.08 9.57
CA LEU A 125 -7.97 7.10 11.01
C LEU A 125 -9.35 7.17 11.67
N SER A 126 -10.24 7.98 11.09
CA SER A 126 -11.61 8.13 11.56
C SER A 126 -12.50 8.44 10.34
N ASP A 127 -13.74 8.85 10.59
CA ASP A 127 -14.71 9.17 9.52
C ASP A 127 -14.11 10.17 8.53
N THR A 128 -13.53 11.24 9.05
CA THR A 128 -13.09 12.32 8.16
C THR A 128 -11.57 12.47 8.04
N GLN A 129 -10.80 11.64 8.74
CA GLN A 129 -9.38 11.80 8.90
C GLN A 129 -8.60 10.56 8.45
N TYR A 130 -7.44 10.82 7.84
CA TYR A 130 -6.63 9.84 7.18
C TYR A 130 -5.20 10.18 7.51
N LEU A 131 -4.37 9.16 7.62
CA LEU A 131 -2.93 9.31 7.85
C LEU A 131 -2.19 8.86 6.59
N THR A 132 -1.18 9.62 6.19
CA THR A 132 -0.38 9.30 5.01
C THR A 132 1.09 9.43 5.34
N ALA A 133 1.85 8.47 4.86
CA ALA A 133 3.32 8.40 5.08
C ALA A 133 4.12 9.18 4.04
N ASP A 134 5.05 10.01 4.50
CA ASP A 134 5.94 10.76 3.61
C ASP A 134 7.25 9.98 3.60
N SER A 135 7.51 9.37 2.46
CA SER A 135 8.64 8.46 2.28
C SER A 135 10.03 9.11 2.28
N TYR A 136 10.09 10.44 2.19
CA TYR A 136 11.36 11.15 2.19
C TYR A 136 11.48 12.20 3.26
N ARG A 137 10.40 12.50 3.98
CA ARG A 137 10.51 13.54 4.99
C ARG A 137 10.65 13.00 6.42
N GLY A 138 10.29 11.76 6.66
CA GLY A 138 10.36 11.26 8.03
C GLY A 138 9.17 11.67 8.87
N ALA A 139 8.00 11.70 8.23
CA ALA A 139 6.76 12.13 8.86
C ALA A 139 5.53 11.40 8.33
N ILE A 140 4.51 11.36 9.19
CA ILE A 140 3.17 10.96 8.85
C ILE A 140 2.28 12.20 8.92
N TRP A 141 1.54 12.43 7.85
CA TRP A 141 0.59 13.55 7.78
C TRP A 141 -0.84 13.10 8.16
N LEU A 142 -1.49 13.95 8.95
CA LEU A 142 -2.93 13.88 9.20
C LEU A 142 -3.69 14.75 8.19
N ILE A 143 -4.57 14.10 7.44
CA ILE A 143 -5.40 14.73 6.43
C ILE A 143 -6.89 14.66 6.84
N ASP A 144 -7.54 15.82 6.90
CA ASP A 144 -8.96 15.87 7.08
C ASP A 144 -9.55 16.16 5.72
N VAL A 145 -10.44 15.30 5.27
CA VAL A 145 -10.95 15.40 3.93
C VAL A 145 -12.20 16.26 3.85
N VAL A 146 -12.79 16.65 4.98
CA VAL A 146 -14.03 17.39 4.91
C VAL A 146 -13.81 18.89 4.92
N GLN A 147 -12.83 19.35 5.70
CA GLN A 147 -12.50 20.77 5.79
C GLN A 147 -12.03 21.38 4.45
N PRO A 148 -10.98 20.84 3.82
CA PRO A 148 -9.95 19.90 4.17
C PRO A 148 -8.74 20.59 4.78
N SER A 149 -7.86 19.80 5.36
CA SER A 149 -6.76 20.35 6.14
C SER A 149 -5.67 19.30 6.23
N GLY A 150 -4.44 19.75 6.46
CA GLY A 150 -3.30 18.84 6.62
C GLY A 150 -2.43 19.34 7.74
N SER A 151 -1.81 18.41 8.46
CA SER A 151 -0.86 18.74 9.51
C SER A 151 0.10 17.56 9.73
N ILE A 152 1.13 17.76 10.53
CA ILE A 152 2.07 16.68 10.82
C ILE A 152 1.55 15.92 12.00
N TRP A 153 1.19 14.64 11.78
CA TRP A 153 0.76 13.79 12.90
C TRP A 153 1.96 13.34 13.73
N LEU A 154 3.03 12.91 13.06
CA LEU A 154 4.23 12.49 13.74
C LEU A 154 5.41 12.72 12.83
N GLU A 155 6.46 13.29 13.39
CA GLU A 155 7.75 13.40 12.72
C GLU A 155 8.77 12.72 13.63
N HIS A 156 9.49 11.72 13.12
CA HIS A 156 10.36 10.91 13.98
C HIS A 156 11.41 10.22 13.11
N PRO A 157 12.66 10.11 13.61
CA PRO A 157 13.69 9.39 12.83
C PRO A 157 13.35 7.95 12.42
N LEU A 159 10.77 6.98 11.07
CA LEU A 159 10.02 7.12 9.82
C LEU A 159 10.91 7.59 8.65
N ALA A 160 12.15 7.93 8.96
CA ALA A 160 13.07 8.52 8.00
C ALA A 160 14.03 7.50 7.45
N ARG A 161 14.59 7.82 6.28
CA ARG A 161 15.74 7.15 5.69
C ARG A 161 16.94 7.23 6.60
N SER A 162 17.71 6.14 6.65
CA SER A 162 19.03 6.10 7.33
C SER A 162 20.00 7.07 6.68
N ASN A 163 19.94 7.11 5.35
CA ASN A 163 20.71 8.05 4.56
C ASN A 163 19.83 9.15 3.94
N SER A 164 20.05 10.39 4.37
CA SER A 164 19.34 11.58 3.86
C SER A 164 19.42 11.81 2.33
N GLU A 165 20.32 11.10 1.65
CA GLU A 165 20.49 11.21 0.21
C GLU A 165 20.12 9.91 -0.50
N SER A 166 19.60 8.94 0.23
CA SER A 166 19.14 7.73 -0.40
C SER A 166 17.87 8.03 -1.19
N VAL A 167 17.64 7.28 -2.24
CA VAL A 167 16.46 7.49 -3.08
C VAL A 167 15.39 6.44 -2.81
N PHE A 168 15.69 5.49 -1.94
CA PHE A 168 14.71 4.49 -1.55
C PHE A 168 13.75 5.11 -0.50
N PRO A 169 12.46 4.81 -0.62
CA PRO A 169 11.45 5.35 0.28
C PRO A 169 11.60 4.80 1.69
N ALA A 170 11.37 5.61 2.70
CA ALA A 170 11.35 5.13 4.08
C ALA A 170 9.90 4.83 4.46
N ALA A 171 9.27 5.66 5.32
CA ALA A 171 7.88 5.46 5.68
C ALA A 171 7.06 5.31 4.42
N ASN A 172 6.34 4.21 4.32
CA ASN A 172 5.80 3.77 3.04
C ASN A 172 4.32 3.35 3.18
N GLY A 173 4.07 2.15 3.68
CA GLY A 173 2.71 1.71 3.90
C GLY A 173 2.35 1.83 5.35
N LEU A 174 1.06 1.99 5.63
CA LEU A 174 0.61 2.14 7.00
C LEU A 174 -0.79 1.60 7.15
N LYS A 175 -1.04 0.90 8.24
CA LYS A 175 -2.34 0.29 8.48
C LYS A 175 -2.58 0.27 9.97
N ARG A 176 -3.85 0.46 10.37
CA ARG A 176 -4.25 0.35 11.75
C ARG A 176 -4.50 -1.13 12.03
N PHE A 177 -4.09 -1.53 13.23
CA PHE A 177 -4.52 -2.78 13.82
C PHE A 177 -4.64 -2.62 15.32
N GLY A 178 -5.83 -2.82 15.88
CA GLY A 178 -6.02 -2.67 17.33
C GLY A 178 -5.73 -1.23 17.72
N ASN A 179 -4.94 -1.03 18.78
CA ASN A 179 -4.61 0.33 19.25
C ASN A 179 -3.23 0.80 18.74
N PHE A 180 -2.84 0.28 17.59
CA PHE A 180 -1.54 0.61 16.97
C PHE A 180 -1.71 1.05 15.53
N LEU A 181 -0.78 1.89 15.07
CA LEU A 181 -0.56 2.08 13.62
C LEU A 181 0.74 1.39 13.21
N TYR A 182 0.68 0.43 12.29
CA TYR A 182 1.88 -0.20 11.76
C TYR A 182 2.34 0.50 10.50
N VAL A 183 3.65 0.70 10.40
CA VAL A 183 4.23 1.46 9.30
C VAL A 183 5.43 0.70 8.79
N SER A 184 5.53 0.53 7.48
CA SER A 184 6.80 0.04 6.87
C SER A 184 7.74 1.20 6.63
N ASN A 185 9.01 1.01 6.98
CA ASN A 185 10.07 1.88 6.54
C ASN A 185 10.96 1.03 5.65
N THR A 186 10.73 1.09 4.35
CA THR A 186 11.35 0.17 3.41
C THR A 186 12.87 0.35 3.36
N GLU A 187 13.30 1.60 3.33
CA GLU A 187 14.72 1.90 3.27
C GLU A 187 15.51 1.38 4.47
N LYS A 188 14.96 1.47 5.68
CA LYS A 188 15.64 0.87 6.87
C LYS A 188 15.34 -0.62 7.00
N LEU A 190 12.42 -1.96 7.91
CA LEU A 190 11.75 -2.11 9.20
C LEU A 190 10.25 -2.09 9.02
N LEU A 191 9.59 -2.73 9.98
CA LEU A 191 8.19 -2.51 10.28
C LEU A 191 8.21 -2.01 11.66
N LEU A 192 7.56 -0.88 11.91
CA LEU A 192 7.42 -0.33 13.23
C LEU A 192 5.96 -0.25 13.65
N ARG A 193 5.73 -0.02 14.94
CA ARG A 193 4.37 0.27 15.35
C ARG A 193 4.29 1.46 16.26
N ILE A 194 3.23 2.22 16.08
CA ILE A 194 3.00 3.43 16.85
C ILE A 194 1.67 3.33 17.62
N PRO A 195 1.73 3.46 18.96
CA PRO A 195 0.50 3.55 19.74
C PRO A 195 -0.44 4.66 19.26
N VAL A 196 -1.73 4.37 19.17
CA VAL A 196 -2.73 5.41 18.89
C VAL A 196 -3.59 5.56 20.15
N ASP A 197 -3.59 6.75 20.74
CA ASP A 197 -4.32 6.92 22.00
C ASP A 197 -5.81 7.16 21.72
N SER A 198 -6.58 7.34 22.78
CA SER A 198 -8.03 7.58 22.68
C SER A 198 -8.39 8.86 21.89
N THR A 199 -7.47 9.84 21.85
CA THR A 199 -7.68 11.05 21.06
C THR A 199 -7.01 10.96 19.67
N ASP A 200 -6.72 9.75 19.24
CA ASP A 200 -6.10 9.47 17.93
C ASP A 200 -4.74 10.18 17.73
N LYS A 201 -4.00 10.38 18.82
CA LYS A 201 -2.66 10.96 18.78
C LYS A 201 -1.63 9.88 19.00
N PRO A 202 -0.43 10.09 18.46
CA PRO A 202 0.59 9.06 18.50
C PRO A 202 1.35 9.00 19.81
N GLY A 203 1.70 7.78 20.19
CA GLY A 203 2.70 7.55 21.21
C GLY A 203 4.07 7.34 20.58
N GLU A 204 4.95 6.70 21.35
CA GLU A 204 6.37 6.52 20.98
C GLU A 204 6.50 5.34 20.00
N PRO A 205 7.06 5.59 18.80
CA PRO A 205 7.19 4.48 17.84
C PRO A 205 8.13 3.41 18.34
N GLU A 206 7.85 2.17 17.99
CA GLU A 206 8.56 1.02 18.50
C GLU A 206 8.88 0.13 17.31
N ILE A 207 10.11 -0.38 17.24
CA ILE A 207 10.46 -1.33 16.19
C ILE A 207 9.67 -2.62 16.40
N PHE A 208 9.10 -3.15 15.32
CA PHE A 208 8.32 -4.36 15.43
C PHE A 208 9.09 -5.49 14.80
N VAL A 209 9.48 -5.35 13.53
CA VAL A 209 10.28 -6.38 12.85
C VAL A 209 11.41 -5.68 12.10
N GLU A 210 12.63 -6.25 12.18
CA GLU A 210 13.81 -5.73 11.49
C GLU A 210 14.20 -6.66 10.36
N GLN A 211 15.05 -6.17 9.46
CA GLN A 211 15.49 -6.93 8.30
C GLN A 211 14.32 -7.52 7.51
N THR A 212 13.33 -6.69 7.23
CA THR A 212 12.22 -7.07 6.37
C THR A 212 11.99 -5.92 5.39
N ASN A 213 11.67 -6.25 4.14
CA ASN A 213 11.54 -5.26 3.06
C ASN A 213 10.09 -5.29 2.61
N ILE A 214 9.29 -4.37 3.12
CA ILE A 214 7.86 -4.38 2.84
CA ILE A 214 7.85 -4.36 2.91
C ILE A 214 7.48 -3.01 2.29
N ASP A 215 6.74 -3.06 1.22
CA ASP A 215 6.20 -1.89 0.56
C ASP A 215 4.89 -1.64 1.32
N ASP A 216 3.72 -1.98 0.74
CA ASP A 216 2.49 -1.89 1.52
C ASP A 216 1.99 -3.28 1.88
N PHE A 217 1.01 -3.27 2.79
CA PHE A 217 0.57 -4.46 3.47
C PHE A 217 -0.86 -4.31 3.97
N ALA A 218 -1.40 -5.40 4.44
CA ALA A 218 -2.75 -5.41 5.01
C ALA A 218 -2.86 -6.46 6.08
N PHE A 219 -3.77 -6.26 7.04
CA PHE A 219 -3.97 -7.21 8.16
C PHE A 219 -5.20 -8.09 7.99
N ASP A 220 -5.13 -9.34 8.45
CA ASP A 220 -6.36 -10.08 8.72
C ASP A 220 -6.84 -9.80 10.15
N VAL A 221 -8.02 -10.33 10.51
CA VAL A 221 -8.64 -10.08 11.82
C VAL A 221 -7.90 -10.70 12.99
N GLU A 222 -7.04 -11.67 12.70
CA GLU A 222 -6.16 -12.32 13.67
C GLU A 222 -4.84 -11.54 13.87
N GLY A 223 -4.64 -10.46 13.11
CA GLY A 223 -3.44 -9.66 13.22
C GLY A 223 -2.24 -10.17 12.45
N ASN A 224 -2.44 -11.12 11.53
CA ASN A 224 -1.39 -11.42 10.55
C ASN A 224 -1.29 -10.28 9.54
N LEU A 225 -0.06 -9.87 9.26
CA LEU A 225 0.24 -8.83 8.30
C LEU A 225 0.72 -9.50 7.00
N TYR A 226 0.08 -9.14 5.90
CA TYR A 226 0.40 -9.68 4.60
C TYR A 226 1.08 -8.55 3.81
N GLY A 227 2.37 -8.70 3.53
CA GLY A 227 3.18 -7.59 3.00
C GLY A 227 3.78 -7.92 1.66
N ALA A 228 3.73 -6.94 0.77
CA ALA A 228 4.37 -7.04 -0.54
C ALA A 228 5.81 -6.64 -0.39
N THR A 229 6.70 -7.47 -0.92
CA THR A 229 8.14 -7.23 -0.72
C THR A 229 8.88 -6.56 -1.90
N HIS A 230 8.15 -6.25 -2.97
CA HIS A 230 8.62 -5.49 -4.15
C HIS A 230 9.82 -6.15 -4.83
N ILE A 231 11.03 -5.60 -4.62
CA ILE A 231 12.24 -6.16 -5.21
C ILE A 231 12.57 -7.56 -4.78
N TYR A 232 12.01 -8.05 -3.66
CA TYR A 232 12.14 -9.45 -3.32
C TYR A 232 11.09 -10.35 -3.97
N ASN A 233 10.23 -9.78 -4.79
CA ASN A 233 9.29 -10.56 -5.61
C ASN A 233 8.44 -11.58 -4.85
N SER A 234 7.90 -11.15 -3.70
CA SER A 234 7.19 -12.08 -2.83
C SER A 234 6.08 -11.38 -2.07
N VAL A 235 5.31 -12.19 -1.38
CA VAL A 235 4.32 -11.77 -0.43
C VAL A 235 4.64 -12.63 0.81
N VAL A 236 4.76 -11.96 1.94
CA VAL A 236 5.07 -12.58 3.20
C VAL A 236 3.90 -12.40 4.17
N ARG A 237 3.74 -13.37 5.04
CA ARG A 237 2.84 -13.30 6.15
C ARG A 237 3.64 -13.19 7.44
N ILE A 238 3.43 -12.11 8.18
CA ILE A 238 4.08 -11.91 9.46
C ILE A 238 3.04 -12.02 10.60
N ALA A 239 3.24 -13.02 11.45
CA ALA A 239 2.33 -13.34 12.51
C ALA A 239 2.55 -12.40 13.68
N PRO A 240 1.58 -12.31 14.61
CA PRO A 240 1.75 -11.45 15.79
C PRO A 240 3.02 -11.79 16.58
N ASP A 241 3.49 -13.04 16.49
CA ASP A 241 4.75 -13.45 17.14
C ASP A 241 6.01 -13.06 16.36
N ARG A 242 5.83 -12.28 15.29
CA ARG A 242 6.94 -11.74 14.50
C ARG A 242 7.59 -12.77 13.59
N SER A 243 7.12 -14.02 13.58
CA SER A 243 7.63 -15.02 12.64
C SER A 243 7.10 -14.73 11.24
N THR A 244 7.91 -15.04 10.23
CA THR A 244 7.64 -14.66 8.83
C THR A 244 7.55 -15.94 7.97
N THR A 245 6.49 -16.03 7.17
CA THR A 245 6.35 -17.10 6.15
C THR A 245 6.18 -16.46 4.78
N ILE A 246 6.84 -17.04 3.78
CA ILE A 246 6.69 -16.60 2.38
C ILE A 246 5.48 -17.31 1.83
N ILE A 247 4.49 -16.58 1.33
CA ILE A 247 3.25 -17.22 0.83
C ILE A 247 3.02 -17.12 -0.70
N ALA A 248 3.89 -16.39 -1.38
CA ALA A 248 3.83 -16.29 -2.84
C ALA A 248 5.15 -15.77 -3.36
N GLN A 249 5.56 -16.30 -4.51
CA GLN A 249 6.85 -15.94 -5.11
C GLN A 249 6.63 -15.58 -6.57
N ALA A 250 7.71 -15.36 -7.30
CA ALA A 250 7.62 -14.98 -8.73
C ALA A 250 6.63 -15.78 -9.55
N GLU A 251 6.63 -17.09 -9.37
CA GLU A 251 5.76 -17.97 -10.14
C GLU A 251 4.27 -17.78 -9.91
N GLN A 252 3.93 -17.19 -8.78
CA GLN A 252 2.55 -16.89 -8.42
C GLN A 252 2.11 -15.51 -8.90
N GLY A 253 2.99 -14.83 -9.63
CA GLY A 253 2.66 -13.58 -10.30
C GLY A 253 3.03 -12.31 -9.56
N VAL A 254 3.79 -12.43 -8.46
CA VAL A 254 4.09 -11.29 -7.58
C VAL A 254 5.50 -10.68 -7.66
N ILE A 255 6.14 -10.81 -8.81
CA ILE A 255 7.39 -10.08 -9.08
C ILE A 255 7.05 -8.60 -8.94
N GLY A 256 7.87 -7.86 -8.22
CA GLY A 256 7.63 -6.43 -8.03
C GLY A 256 6.34 -6.08 -7.34
N SER A 257 5.91 -6.93 -6.39
CA SER A 257 4.72 -6.67 -5.56
C SER A 257 4.83 -5.33 -4.78
N THR A 258 3.76 -4.56 -4.78
CA THR A 258 3.80 -3.20 -4.18
C THR A 258 2.80 -2.96 -3.06
N ALA A 259 1.69 -3.69 -3.09
CA ALA A 259 0.57 -3.47 -2.15
C ALA A 259 -0.43 -4.61 -2.06
N VAL A 260 -1.20 -4.59 -0.99
CA VAL A 260 -2.07 -5.67 -0.59
C VAL A 260 -3.40 -5.10 -0.06
N ALA A 261 -4.51 -5.75 -0.46
CA ALA A 261 -5.86 -5.45 0.07
C ALA A 261 -6.74 -6.69 0.06
N PHE A 262 -7.54 -6.83 1.10
CA PHE A 262 -8.45 -7.95 1.24
C PHE A 262 -9.70 -7.66 0.43
N GLY A 263 -10.34 -8.70 -0.07
CA GLY A 263 -11.72 -8.58 -0.56
C GLY A 263 -12.73 -8.46 0.59
N GLN A 264 -13.93 -8.01 0.27
CA GLN A 264 -14.90 -7.71 1.34
C GLN A 264 -16.19 -8.53 1.29
N THR A 265 -16.29 -9.40 0.27
CA THR A 265 -17.55 -9.98 -0.14
C THR A 265 -17.61 -11.43 0.28
N GLU A 266 -18.80 -12.02 0.10
CA GLU A 266 -19.03 -13.41 0.44
C GLU A 266 -18.02 -14.22 -0.35
N GLY A 267 -17.80 -13.82 -1.61
CA GLY A 267 -16.93 -14.61 -2.49
C GLY A 267 -15.42 -14.51 -2.24
N ASP A 268 -14.96 -13.46 -1.57
CA ASP A 268 -13.52 -13.25 -1.42
C ASP A 268 -13.09 -12.60 -0.12
N CYS A 269 -13.89 -12.81 0.93
CA CYS A 269 -13.70 -12.18 2.28
C CYS A 269 -12.32 -12.65 2.80
N THR A 270 -11.91 -13.85 2.35
CA THR A 270 -10.68 -14.50 2.84
C THR A 270 -9.50 -14.48 1.87
N ALA A 271 -9.58 -13.65 0.84
CA ALA A 271 -8.56 -13.52 -0.18
C ALA A 271 -7.93 -12.13 -0.15
N ILE A 272 -6.65 -12.05 -0.49
CA ILE A 272 -6.01 -10.75 -0.67
C ILE A 272 -5.71 -10.59 -2.14
N TYR A 273 -5.71 -9.34 -2.54
CA TYR A 273 -5.34 -8.95 -3.88
C TYR A 273 -4.04 -8.20 -3.74
N VAL A 274 -3.15 -8.43 -4.68
CA VAL A 274 -1.80 -7.88 -4.69
C VAL A 274 -1.52 -7.23 -6.01
N VAL A 275 -1.15 -5.95 -5.97
CA VAL A 275 -0.72 -5.24 -7.16
C VAL A 275 0.80 -5.34 -7.27
N THR A 276 1.26 -5.27 -8.50
CA THR A 276 2.69 -5.32 -8.81
C THR A 276 3.11 -4.36 -9.89
N ASN A 277 4.43 -4.21 -10.10
CA ASN A 277 4.95 -3.47 -11.26
C ASN A 277 5.75 -4.32 -12.24
N GLY A 278 5.63 -5.63 -12.09
CA GLY A 278 6.29 -6.56 -12.96
C GLY A 278 7.80 -6.55 -12.91
N GLY A 279 8.37 -5.96 -11.86
CA GLY A 279 9.80 -6.00 -11.61
C GLY A 279 10.60 -4.83 -12.17
N PHE A 281 11.81 -2.04 -11.25
CA PHE A 281 12.89 -1.41 -10.48
C PHE A 281 14.11 -2.26 -10.30
N LEU A 282 13.92 -3.53 -10.07
CA LEU A 282 14.99 -4.43 -9.96
C LEU A 282 14.48 -5.73 -10.53
N PRO A 283 14.69 -5.95 -11.84
CA PRO A 283 14.15 -7.15 -12.48
C PRO A 283 14.76 -8.42 -11.96
N PRO A 284 13.96 -9.48 -11.93
CA PRO A 284 14.60 -10.75 -11.61
C PRO A 284 15.45 -11.20 -12.79
N PRO A 285 16.26 -12.25 -12.60
CA PRO A 285 17.12 -12.71 -13.69
C PRO A 285 16.36 -13.00 -14.98
N THR A 286 15.10 -13.40 -14.87
CA THR A 286 14.28 -13.76 -16.05
C THR A 286 13.67 -12.52 -16.73
N GLY A 287 13.86 -11.34 -16.11
CA GLY A 287 13.40 -10.11 -16.71
C GLY A 287 12.04 -9.65 -16.19
N VAL A 288 11.65 -8.47 -16.61
CA VAL A 288 10.38 -7.91 -16.20
C VAL A 288 9.22 -8.66 -16.83
N VAL A 289 8.05 -8.48 -16.22
CA VAL A 289 6.81 -9.13 -16.68
C VAL A 289 5.68 -8.12 -16.69
N PRO A 290 4.55 -8.48 -17.34
CA PRO A 290 3.40 -7.58 -17.22
C PRO A 290 3.01 -7.40 -15.76
N ALA A 291 2.59 -6.18 -15.43
CA ALA A 291 2.16 -5.85 -14.07
C ALA A 291 0.84 -6.56 -13.81
N ASN A 292 0.65 -7.10 -12.59
CA ASN A 292 -0.48 -7.99 -12.27
C ASN A 292 -1.32 -7.49 -11.10
N VAL A 293 -2.59 -7.90 -11.10
CA VAL A 293 -3.34 -8.05 -9.87
C VAL A 293 -3.50 -9.56 -9.63
N VAL A 294 -2.99 -10.04 -8.50
CA VAL A 294 -2.95 -11.39 -8.11
C VAL A 294 -3.87 -11.60 -6.90
N ARG A 295 -4.68 -12.63 -6.96
CA ARG A 295 -5.54 -13.00 -5.85
C ARG A 295 -4.94 -14.15 -5.11
N LEU A 296 -4.70 -13.96 -3.82
CA LEU A 296 -4.16 -15.06 -2.99
C LEU A 296 -5.20 -15.44 -1.93
N GLU A 297 -5.44 -16.74 -1.76
CA GLU A 297 -6.39 -17.22 -0.78
CA GLU A 297 -6.40 -17.22 -0.77
C GLU A 297 -5.63 -17.43 0.53
N VAL A 298 -6.07 -16.77 1.59
CA VAL A 298 -5.37 -16.87 2.88
C VAL A 298 -6.20 -17.43 4.02
N GLY A 299 -7.50 -17.62 3.79
CA GLY A 299 -8.30 -18.40 4.70
C GLY A 299 -8.72 -17.69 5.96
N LYS A 300 -8.51 -16.37 6.01
CA LYS A 300 -8.80 -15.54 7.16
C LYS A 300 -9.32 -14.22 6.65
N PRO A 301 -10.40 -13.70 7.24
CA PRO A 301 -10.98 -12.42 6.82
C PRO A 301 -10.12 -11.22 7.08
N GLY A 302 -10.38 -10.18 6.31
CA GLY A 302 -9.60 -8.95 6.38
C GLY A 302 -10.04 -8.05 7.50
N TYR A 303 -9.07 -7.36 8.09
CA TYR A 303 -9.34 -6.29 9.05
C TYR A 303 -10.01 -5.15 8.32
N PRO A 304 -11.05 -4.58 8.94
CA PRO A 304 -11.76 -3.51 8.28
C PRO A 304 -10.89 -2.27 8.30
N LEU A 305 -10.90 -1.55 7.19
CA LEU A 305 -10.13 -0.31 7.11
C LEU A 305 -10.95 0.85 7.62
N GLY A 306 -12.27 0.78 7.44
CA GLY A 306 -13.14 1.96 7.67
C GLY A 306 -13.04 2.88 6.45
#